data_4MHA
#
_entry.id   4MHA
#
_cell.length_a   51.142
_cell.length_b   91.460
_cell.length_c   69.932
_cell.angle_alpha   90.00
_cell.angle_beta   100.23
_cell.angle_gamma   90.00
#
_symmetry.space_group_name_H-M   'P 1 21 1'
#
loop_
_entity.id
_entity.type
_entity.pdbx_description
1 polymer 'Tyrosine-protein kinase Mer'
2 non-polymer 'CHLORIDE ION'
3 non-polymer 2-(butylamino)-4-[(trans-4-hydroxycyclohexyl)amino]-N-(4-sulfamoylbenzyl)pyrimidine-5-carboxamide
4 non-polymer 'MAGNESIUM ION'
5 water water
#
_entity_poly.entity_id   1
_entity_poly.type   'polypeptide(L)'
_entity_poly.pdbx_seq_one_letter_code
;MGSSHHHHHHSSGLVPRGSEELQNKLEDVVIDRNLLILGKILGEGEFGSVMEGNLKQEDGTSLKVAVKTMKLDNSSQREI
EEFLSEAACMKDFSHPNVIRLLGVCIEMSSQGIPKPMVILPFMKYGDLHTYLLYSRLETGPKHIPLQTLLKFMVDIALGM
EYLSNRNFLHRDLAARNCMLRDDMTVCVADFGLSKKIYSGDYYRQGRIAKMPVKWIAIESLADRVYTSKSDVWAFGVTMW
EIATRGMTPYPGVQNHEMYDYLLHGHRLKQPEDCLDELYEIMYSCWRTDPLDRPTFSVLRLQLEKLLESLPDV
;
_entity_poly.pdbx_strand_id   A,B
#
loop_
_chem_comp.id
_chem_comp.type
_chem_comp.name
_chem_comp.formula
4MH non-polymer 2-(butylamino)-4-[(trans-4-hydroxycyclohexyl)amino]-N-(4-sulfamoylbenzyl)pyrimidine-5-carboxamide 'C22 H32 N6 O4 S'
CL non-polymer 'CHLORIDE ION' 'Cl -1'
MG non-polymer 'MAGNESIUM ION' 'Mg 2'
#
# COMPACT_ATOMS: atom_id res chain seq x y z
N VAL A 29 26.27 -27.79 -1.66
CA VAL A 29 25.19 -26.85 -1.94
C VAL A 29 25.07 -26.61 -3.44
N VAL A 30 26.19 -26.72 -4.15
CA VAL A 30 26.22 -26.48 -5.59
C VAL A 30 25.49 -27.60 -6.34
N ILE A 31 24.73 -27.21 -7.35
CA ILE A 31 24.03 -28.15 -8.22
C ILE A 31 24.41 -27.88 -9.67
N ASP A 32 24.52 -28.94 -10.46
CA ASP A 32 24.85 -28.80 -11.88
C ASP A 32 23.78 -27.99 -12.60
N ARG A 33 24.23 -27.01 -13.38
CA ARG A 33 23.32 -26.09 -14.07
C ARG A 33 22.44 -26.81 -15.08
N ASN A 34 22.94 -27.93 -15.61
N ASN A 34 22.93 -27.93 -15.61
CA ASN A 34 22.21 -28.71 -16.60
CA ASN A 34 22.19 -28.70 -16.61
C ASN A 34 20.92 -29.30 -16.03
C ASN A 34 20.93 -29.33 -16.04
N LEU A 35 20.86 -29.42 -14.71
CA LEU A 35 19.69 -29.99 -14.03
C LEU A 35 18.60 -28.95 -13.81
N LEU A 36 18.81 -27.73 -14.31
CA LEU A 36 17.87 -26.63 -14.09
C LEU A 36 17.42 -26.00 -15.40
N ILE A 37 16.11 -25.94 -15.60
CA ILE A 37 15.51 -25.27 -16.75
C ILE A 37 14.66 -24.10 -16.27
N LEU A 38 15.04 -22.89 -16.68
CA LEU A 38 14.35 -21.67 -16.23
C LEU A 38 13.18 -21.33 -17.15
N GLY A 39 12.37 -20.36 -16.73
CA GLY A 39 11.20 -19.95 -17.49
C GLY A 39 10.77 -18.52 -17.21
N LYS A 40 9.51 -18.37 -16.78
CA LYS A 40 8.93 -17.05 -16.56
C LYS A 40 9.58 -16.30 -15.40
N ILE A 41 9.28 -15.01 -15.32
CA ILE A 41 9.72 -14.16 -14.22
C ILE A 41 8.60 -14.04 -13.19
N LEU A 42 8.92 -14.32 -11.93
CA LEU A 42 7.94 -14.29 -10.86
C LEU A 42 7.98 -12.96 -10.11
N GLY A 43 9.17 -12.35 -10.05
CA GLY A 43 9.34 -11.07 -9.37
C GLY A 43 10.59 -10.36 -9.86
N GLU A 44 10.65 -9.06 -9.59
CA GLU A 44 11.78 -8.25 -10.02
C GLU A 44 11.84 -6.94 -9.26
N GLY A 48 18.25 -8.56 -7.05
CA GLY A 48 18.27 -9.25 -8.32
C GLY A 48 16.88 -9.47 -8.88
N SER A 49 16.53 -10.73 -9.12
CA SER A 49 15.22 -11.08 -9.67
C SER A 49 14.86 -12.52 -9.30
N VAL A 50 13.62 -12.90 -9.59
CA VAL A 50 13.13 -14.25 -9.30
C VAL A 50 12.61 -14.90 -10.57
N MET A 51 12.85 -16.20 -10.71
CA MET A 51 12.44 -16.93 -11.91
C MET A 51 11.95 -18.34 -11.54
N GLU A 52 10.93 -18.80 -12.25
CA GLU A 52 10.45 -20.17 -12.06
C GLU A 52 11.36 -21.14 -12.79
N GLY A 53 11.24 -22.43 -12.48
CA GLY A 53 12.05 -23.44 -13.13
C GLY A 53 11.76 -24.85 -12.67
N ASN A 54 12.38 -25.82 -13.34
CA ASN A 54 12.21 -27.23 -13.01
C ASN A 54 13.54 -27.89 -12.64
N LEU A 55 13.66 -28.29 -11.39
CA LEU A 55 14.88 -28.94 -10.90
C LEU A 55 14.77 -30.46 -11.04
N LYS A 56 15.63 -31.03 -11.88
CA LYS A 56 15.66 -32.47 -12.08
C LYS A 56 16.40 -33.14 -10.93
N GLN A 57 15.65 -33.77 -10.04
CA GLN A 57 16.20 -34.37 -8.83
C GLN A 57 17.04 -35.61 -9.14
N GLU A 58 17.58 -36.22 -8.09
CA GLU A 58 18.39 -37.42 -8.23
C GLU A 58 17.52 -38.65 -8.49
N ASP A 59 16.28 -38.60 -8.04
CA ASP A 59 15.35 -39.72 -8.22
C ASP A 59 14.70 -39.69 -9.60
N GLY A 60 15.19 -38.83 -10.48
CA GLY A 60 14.72 -38.78 -11.85
C GLY A 60 13.51 -37.88 -12.05
N THR A 61 12.86 -37.50 -10.96
CA THR A 61 11.66 -36.68 -11.03
C THR A 61 12.01 -35.19 -11.09
N SER A 62 11.29 -34.44 -11.92
CA SER A 62 11.49 -33.01 -12.06
C SER A 62 10.64 -32.25 -11.05
N LEU A 63 11.30 -31.40 -10.25
CA LEU A 63 10.62 -30.63 -9.21
C LEU A 63 10.45 -29.17 -9.61
N LYS A 64 9.23 -28.66 -9.47
CA LYS A 64 8.96 -27.25 -9.73
C LYS A 64 9.62 -26.40 -8.65
N VAL A 65 10.50 -25.48 -9.08
CA VAL A 65 11.28 -24.67 -8.16
C VAL A 65 11.35 -23.21 -8.59
N ALA A 66 11.61 -22.33 -7.62
CA ALA A 66 11.85 -20.93 -7.89
C ALA A 66 13.35 -20.66 -7.87
N VAL A 67 13.79 -19.68 -8.65
CA VAL A 67 15.20 -19.38 -8.79
C VAL A 67 15.46 -17.88 -8.63
N LYS A 68 16.11 -17.52 -7.52
CA LYS A 68 16.43 -16.13 -7.22
C LYS A 68 17.87 -15.81 -7.60
N THR A 69 18.04 -14.81 -8.47
CA THR A 69 19.36 -14.37 -8.88
C THR A 69 19.97 -13.48 -7.80
N MET A 70 21.31 -13.43 -7.76
CA MET A 70 22.02 -12.65 -6.75
C MET A 70 23.10 -11.79 -7.39
N LYS A 71 22.95 -10.48 -7.25
CA LYS A 71 23.95 -9.52 -7.75
C LYS A 71 24.94 -9.18 -6.63
N LEU A 72 26.09 -9.85 -6.66
CA LEU A 72 27.13 -9.66 -5.65
C LEU A 72 28.26 -8.80 -6.19
N ASP A 73 29.08 -8.28 -5.28
CA ASP A 73 30.24 -7.48 -5.65
C ASP A 73 31.41 -8.40 -5.96
N ASN A 74 31.67 -8.62 -7.24
CA ASN A 74 32.71 -9.55 -7.67
C ASN A 74 34.11 -8.93 -7.67
N SER A 75 34.24 -7.74 -7.09
CA SER A 75 35.54 -7.11 -6.95
C SER A 75 36.39 -7.86 -5.93
N SER A 76 35.72 -8.65 -5.09
CA SER A 76 36.40 -9.46 -4.09
C SER A 76 35.55 -10.66 -3.72
N GLN A 77 36.17 -11.68 -3.14
CA GLN A 77 35.47 -12.89 -2.71
C GLN A 77 34.97 -12.75 -1.28
N ARG A 78 34.55 -11.55 -0.91
CA ARG A 78 34.05 -11.27 0.44
C ARG A 78 32.57 -11.61 0.55
N GLU A 79 31.77 -11.10 -0.39
CA GLU A 79 30.33 -11.29 -0.36
C GLU A 79 29.93 -12.72 -0.71
N ILE A 80 30.61 -13.30 -1.69
CA ILE A 80 30.28 -14.66 -2.13
C ILE A 80 30.67 -15.69 -1.06
N GLU A 81 31.72 -15.39 -0.31
CA GLU A 81 32.17 -16.27 0.77
C GLU A 81 31.09 -16.36 1.85
N GLU A 82 30.56 -15.21 2.25
CA GLU A 82 29.49 -15.16 3.23
C GLU A 82 28.22 -15.76 2.66
N PHE A 83 28.05 -15.66 1.34
CA PHE A 83 26.89 -16.20 0.67
C PHE A 83 26.93 -17.72 0.63
N LEU A 84 28.12 -18.27 0.41
CA LEU A 84 28.31 -19.71 0.37
C LEU A 84 28.25 -20.32 1.77
N SER A 85 28.73 -19.56 2.75
CA SER A 85 28.71 -20.01 4.14
C SER A 85 27.27 -20.15 4.64
N GLU A 86 26.46 -19.16 4.35
CA GLU A 86 25.05 -19.17 4.75
C GLU A 86 24.28 -20.27 4.00
N ALA A 87 24.65 -20.49 2.75
CA ALA A 87 23.98 -21.50 1.93
C ALA A 87 24.19 -22.90 2.51
N ALA A 88 25.35 -23.12 3.10
CA ALA A 88 25.68 -24.41 3.71
C ALA A 88 24.82 -24.64 4.95
N CYS A 89 24.48 -23.56 5.65
CA CYS A 89 23.66 -23.64 6.85
C CYS A 89 22.17 -23.63 6.49
N MET A 90 21.82 -22.79 5.52
CA MET A 90 20.42 -22.66 5.11
C MET A 90 19.90 -23.93 4.45
N LYS A 91 20.80 -24.81 4.05
CA LYS A 91 20.44 -26.07 3.40
C LYS A 91 20.16 -27.15 4.44
N ASP A 92 20.88 -27.11 5.55
CA ASP A 92 20.74 -28.12 6.59
C ASP A 92 19.50 -27.88 7.46
N PHE A 93 18.89 -26.70 7.31
CA PHE A 93 17.69 -26.38 8.07
C PHE A 93 16.53 -27.28 7.66
N SER A 94 15.72 -27.67 8.64
CA SER A 94 14.56 -28.52 8.40
C SER A 94 13.44 -28.18 9.38
N HIS A 95 12.44 -27.45 8.89
CA HIS A 95 11.32 -27.02 9.73
C HIS A 95 10.11 -26.72 8.84
N PRO A 96 8.92 -27.19 9.24
CA PRO A 96 7.73 -26.99 8.39
C PRO A 96 7.35 -25.52 8.22
N ASN A 97 7.82 -24.67 9.12
CA ASN A 97 7.52 -23.24 9.06
C ASN A 97 8.72 -22.42 8.59
N VAL A 98 9.69 -23.09 7.99
CA VAL A 98 10.87 -22.43 7.41
C VAL A 98 11.12 -22.97 6.01
N ILE A 99 11.34 -22.08 5.06
CA ILE A 99 11.53 -22.49 3.67
C ILE A 99 12.82 -23.30 3.53
N ARG A 100 12.78 -24.30 2.66
CA ARG A 100 13.93 -25.16 2.41
C ARG A 100 14.82 -24.58 1.33
N LEU A 101 16.11 -24.88 1.40
CA LEU A 101 17.06 -24.49 0.36
C LEU A 101 17.57 -25.74 -0.35
N LEU A 102 17.32 -25.81 -1.65
CA LEU A 102 17.67 -26.99 -2.43
C LEU A 102 19.14 -26.97 -2.86
N GLY A 103 19.65 -25.79 -3.21
CA GLY A 103 21.04 -25.65 -3.60
C GLY A 103 21.33 -24.37 -4.34
N VAL A 104 22.44 -24.37 -5.08
CA VAL A 104 22.88 -23.20 -5.84
C VAL A 104 23.37 -23.63 -7.22
N CYS A 105 23.19 -22.76 -8.22
CA CYS A 105 23.62 -23.04 -9.57
C CYS A 105 24.38 -21.85 -10.16
N ILE A 106 25.44 -22.14 -10.91
CA ILE A 106 26.28 -21.11 -11.51
C ILE A 106 26.10 -21.10 -13.03
N GLU A 107 26.06 -19.90 -13.61
CA GLU A 107 25.94 -19.75 -15.06
C GLU A 107 27.30 -19.94 -15.73
N PRO A 114 29.86 -14.86 -14.03
CA PRO A 114 29.56 -15.97 -13.12
C PRO A 114 28.64 -15.56 -11.98
N LYS A 115 27.33 -15.69 -12.18
CA LYS A 115 26.34 -15.33 -11.17
C LYS A 115 25.79 -16.57 -10.48
N PRO A 116 25.62 -16.51 -9.14
CA PRO A 116 24.95 -17.63 -8.47
C PRO A 116 23.42 -17.50 -8.53
N MET A 117 22.71 -18.59 -8.22
CA MET A 117 21.26 -18.59 -8.23
C MET A 117 20.70 -19.49 -7.14
N VAL A 118 20.00 -18.88 -6.19
CA VAL A 118 19.43 -19.61 -5.07
C VAL A 118 18.19 -20.40 -5.52
N ILE A 119 18.28 -21.72 -5.42
CA ILE A 119 17.17 -22.59 -5.79
C ILE A 119 16.27 -22.84 -4.58
N LEU A 120 14.98 -22.54 -4.75
CA LEU A 120 14.01 -22.71 -3.66
C LEU A 120 12.74 -23.39 -4.17
N PRO A 121 11.96 -24.01 -3.26
CA PRO A 121 10.70 -24.65 -3.66
C PRO A 121 9.71 -23.67 -4.25
N PHE A 122 8.77 -24.18 -5.05
CA PHE A 122 7.74 -23.35 -5.68
C PHE A 122 6.47 -23.36 -4.83
N MET A 123 5.81 -22.19 -4.77
CA MET A 123 4.61 -22.02 -3.95
C MET A 123 3.49 -21.43 -4.79
N LYS A 124 2.60 -22.28 -5.30
CA LYS A 124 1.53 -21.86 -6.19
C LYS A 124 0.58 -20.86 -5.52
N TYR A 125 0.44 -20.97 -4.21
CA TYR A 125 -0.42 -20.06 -3.46
C TYR A 125 0.26 -18.70 -3.27
N GLY A 126 1.55 -18.64 -3.56
CA GLY A 126 2.28 -17.38 -3.52
C GLY A 126 2.51 -16.85 -2.12
N ASP A 127 2.88 -15.58 -2.03
CA ASP A 127 3.17 -14.94 -0.76
C ASP A 127 1.90 -14.75 0.08
N LEU A 128 2.08 -14.35 1.33
CA LEU A 128 0.97 -14.17 2.25
C LEU A 128 0.31 -12.81 2.07
N HIS A 129 1.13 -11.78 1.86
CA HIS A 129 0.62 -10.41 1.76
C HIS A 129 -0.41 -10.26 0.64
N THR A 130 -0.17 -10.91 -0.49
CA THR A 130 -1.09 -10.86 -1.62
C THR A 130 -2.36 -11.63 -1.33
N TYR A 131 -2.22 -12.73 -0.59
CA TYR A 131 -3.36 -13.58 -0.24
C TYR A 131 -4.35 -12.83 0.66
N LEU A 132 -3.83 -11.90 1.45
CA LEU A 132 -4.66 -11.11 2.36
C LEU A 132 -5.45 -10.04 1.58
N LEU A 133 -4.90 -9.60 0.46
CA LEU A 133 -5.56 -8.59 -0.37
C LEU A 133 -6.66 -9.23 -1.21
N TYR A 134 -6.44 -10.49 -1.61
CA TYR A 134 -7.44 -11.22 -2.40
C TYR A 134 -8.61 -11.65 -1.53
N SER A 135 -8.38 -11.80 -0.23
CA SER A 135 -9.42 -12.24 0.70
C SER A 135 -10.52 -11.21 0.81
N ARG A 136 -10.17 -9.94 0.63
CA ARG A 136 -11.13 -8.84 0.71
C ARG A 136 -11.82 -8.61 -0.63
N LEU A 137 -11.60 -9.54 -1.57
CA LEU A 137 -12.23 -9.49 -2.88
C LEU A 137 -12.95 -10.80 -3.15
N GLU A 138 -14.07 -10.74 -3.87
CA GLU A 138 -14.80 -11.96 -4.23
C GLU A 138 -13.99 -12.79 -5.21
N THR A 139 -14.54 -13.94 -5.62
CA THR A 139 -13.83 -14.91 -6.47
C THR A 139 -12.65 -15.53 -5.72
N GLY A 140 -11.77 -14.69 -5.20
CA GLY A 140 -10.64 -15.15 -4.41
C GLY A 140 -11.06 -15.72 -3.06
N PRO A 141 -10.11 -15.87 -2.13
CA PRO A 141 -10.35 -16.44 -0.81
C PRO A 141 -11.48 -15.74 -0.04
N LYS A 142 -12.06 -16.46 0.92
CA LYS A 142 -13.14 -15.93 1.74
C LYS A 142 -12.58 -15.04 2.85
N HIS A 143 -13.44 -14.24 3.46
CA HIS A 143 -13.06 -13.40 4.59
C HIS A 143 -12.36 -14.22 5.67
N ILE A 144 -11.06 -14.03 5.80
CA ILE A 144 -10.25 -14.81 6.73
C ILE A 144 -10.63 -14.47 8.18
N PRO A 145 -11.08 -15.48 8.95
CA PRO A 145 -11.44 -15.22 10.34
C PRO A 145 -10.22 -14.98 11.23
N LEU A 146 -10.44 -14.49 12.43
CA LEU A 146 -9.34 -14.16 13.35
C LEU A 146 -8.52 -15.39 13.70
N GLN A 147 -9.18 -16.55 13.77
CA GLN A 147 -8.52 -17.79 14.15
C GLN A 147 -7.45 -18.18 13.12
N THR A 148 -7.77 -17.98 11.86
CA THR A 148 -6.84 -18.32 10.78
C THR A 148 -5.71 -17.31 10.69
N LEU A 149 -6.01 -16.05 11.00
CA LEU A 149 -5.00 -14.99 10.96
C LEU A 149 -3.93 -15.21 12.03
N LEU A 150 -4.33 -15.73 13.18
CA LEU A 150 -3.40 -15.98 14.26
C LEU A 150 -2.51 -17.18 13.97
N LYS A 151 -3.05 -18.17 13.27
CA LYS A 151 -2.28 -19.37 12.93
C LYS A 151 -1.09 -19.00 12.06
N PHE A 152 -1.25 -17.96 11.24
CA PHE A 152 -0.15 -17.46 10.43
C PHE A 152 0.97 -16.93 11.31
N MET A 153 0.59 -16.23 12.39
CA MET A 153 1.56 -15.64 13.30
C MET A 153 2.33 -16.72 14.05
N VAL A 154 1.63 -17.79 14.43
CA VAL A 154 2.25 -18.91 15.12
C VAL A 154 3.29 -19.59 14.24
N ASP A 155 2.95 -19.76 12.97
CA ASP A 155 3.86 -20.37 12.00
C ASP A 155 5.11 -19.52 11.81
N ILE A 156 4.91 -18.24 11.54
CA ILE A 156 6.01 -17.31 11.37
C ILE A 156 6.86 -17.25 12.63
N ALA A 157 6.20 -17.22 13.78
CA ALA A 157 6.90 -17.21 15.06
C ALA A 157 7.70 -18.49 15.26
N LEU A 158 7.11 -19.62 14.88
CA LEU A 158 7.78 -20.92 14.96
C LEU A 158 8.98 -20.95 14.02
N GLY A 159 8.85 -20.31 12.87
CA GLY A 159 9.93 -20.25 11.89
C GLY A 159 11.09 -19.43 12.39
N MET A 160 10.79 -18.28 12.99
CA MET A 160 11.83 -17.40 13.54
C MET A 160 12.41 -17.99 14.82
N GLU A 161 11.59 -18.75 15.54
CA GLU A 161 12.04 -19.42 16.75
C GLU A 161 13.10 -20.47 16.42
N TYR A 162 12.95 -21.07 15.25
CA TYR A 162 13.90 -22.08 14.78
C TYR A 162 15.22 -21.43 14.39
N LEU A 163 15.14 -20.22 13.84
CA LEU A 163 16.32 -19.49 13.39
C LEU A 163 17.02 -18.80 14.57
N SER A 164 16.25 -18.41 15.57
CA SER A 164 16.79 -17.72 16.73
C SER A 164 17.68 -18.63 17.55
N ASN A 165 17.29 -19.91 17.65
CA ASN A 165 18.06 -20.89 18.40
C ASN A 165 19.43 -21.12 17.77
N ARG A 166 19.49 -20.99 16.45
CA ARG A 166 20.75 -21.17 15.71
C ARG A 166 21.41 -19.83 15.40
N ASN A 167 20.90 -18.77 16.02
CA ASN A 167 21.46 -17.43 15.87
C ASN A 167 21.51 -16.98 14.40
N PHE A 168 20.42 -17.24 13.68
CA PHE A 168 20.32 -16.85 12.27
C PHE A 168 19.37 -15.67 12.12
N LEU A 169 19.86 -14.59 11.51
CA LEU A 169 19.07 -13.37 11.33
C LEU A 169 18.42 -13.33 9.96
N HIS A 170 17.22 -12.77 9.90
CA HIS A 170 16.47 -12.66 8.65
C HIS A 170 16.79 -11.34 7.95
N ARG A 171 16.73 -10.25 8.72
CA ARG A 171 17.10 -8.92 8.24
C ARG A 171 16.18 -8.42 7.13
N ASP A 172 15.03 -9.08 6.95
CA ASP A 172 14.09 -8.68 5.90
C ASP A 172 12.75 -9.39 6.10
N LEU A 173 12.27 -9.39 7.34
CA LEU A 173 11.00 -10.06 7.65
C LEU A 173 9.81 -9.17 7.31
N ALA A 174 8.85 -9.75 6.60
CA ALA A 174 7.64 -9.04 6.19
C ALA A 174 6.58 -10.01 5.69
N ALA A 175 5.38 -9.51 5.44
CA ALA A 175 4.27 -10.35 4.99
C ALA A 175 4.49 -10.80 3.54
N ARG A 176 5.15 -9.95 2.75
CA ARG A 176 5.44 -10.23 1.35
C ARG A 176 6.46 -11.38 1.22
N ASN A 177 7.24 -11.59 2.26
CA ASN A 177 8.28 -12.62 2.28
C ASN A 177 7.77 -13.97 2.79
N CYS A 178 6.66 -13.96 3.51
CA CYS A 178 6.08 -15.18 4.06
C CYS A 178 5.24 -15.91 3.01
N MET A 179 5.73 -17.07 2.58
CA MET A 179 5.05 -17.87 1.56
C MET A 179 4.09 -18.86 2.19
N LEU A 180 3.11 -19.30 1.41
CA LEU A 180 2.12 -20.27 1.86
C LEU A 180 2.38 -21.64 1.23
N ARG A 181 2.51 -22.66 2.07
CA ARG A 181 2.72 -24.02 1.59
C ARG A 181 1.42 -24.58 1.01
N ASP A 182 1.51 -25.77 0.41
CA ASP A 182 0.36 -26.39 -0.23
C ASP A 182 -0.73 -26.75 0.77
N ASP A 183 -0.34 -26.93 2.03
CA ASP A 183 -1.28 -27.26 3.10
C ASP A 183 -1.72 -26.00 3.85
N MET A 184 -1.58 -24.85 3.20
CA MET A 184 -1.98 -23.56 3.77
C MET A 184 -1.28 -23.30 5.11
N THR A 185 0.03 -23.52 5.15
CA THR A 185 0.83 -23.20 6.32
C THR A 185 1.93 -22.21 5.94
N VAL A 186 2.07 -21.16 6.73
CA VAL A 186 3.01 -20.09 6.44
C VAL A 186 4.45 -20.52 6.71
N CYS A 187 5.37 -20.02 5.91
CA CYS A 187 6.79 -20.29 6.08
C CYS A 187 7.62 -19.06 5.71
N VAL A 188 8.56 -18.71 6.58
CA VAL A 188 9.44 -17.57 6.32
C VAL A 188 10.38 -17.87 5.17
N ALA A 189 10.85 -16.82 4.51
CA ALA A 189 11.75 -16.99 3.36
C ALA A 189 12.43 -15.67 3.01
N ASP A 190 13.23 -15.70 1.95
CA ASP A 190 13.90 -14.52 1.42
C ASP A 190 14.93 -13.95 2.42
N PHE A 191 15.41 -14.80 3.32
CA PHE A 191 16.47 -14.39 4.24
C PHE A 191 17.83 -14.60 3.57
N GLY A 192 18.48 -13.50 3.25
CA GLY A 192 19.76 -13.53 2.56
C GLY A 192 20.85 -14.18 3.41
N PRO A 212 12.59 -0.55 2.77
CA PRO A 212 11.66 -1.04 3.79
C PRO A 212 11.95 -0.47 5.17
N VAL A 213 12.04 0.85 5.25
CA VAL A 213 12.37 1.54 6.49
C VAL A 213 11.32 1.30 7.57
N LYS A 214 10.07 1.17 7.16
CA LYS A 214 8.96 1.02 8.09
C LYS A 214 8.97 -0.33 8.79
N TRP A 215 9.81 -1.25 8.32
CA TRP A 215 9.95 -2.56 8.94
C TRP A 215 11.22 -2.64 9.79
N ILE A 216 12.16 -1.72 9.54
CA ILE A 216 13.41 -1.69 10.28
C ILE A 216 13.21 -1.09 11.67
N ALA A 217 13.91 -1.65 12.65
CA ALA A 217 13.77 -1.20 14.04
C ALA A 217 14.46 0.14 14.23
N ILE A 218 14.01 0.89 15.25
CA ILE A 218 14.51 2.24 15.49
C ILE A 218 16.02 2.26 15.76
N GLU A 219 16.53 1.24 16.44
CA GLU A 219 17.96 1.18 16.74
C GLU A 219 18.76 0.84 15.48
N SER A 220 18.10 0.19 14.53
CA SER A 220 18.73 -0.21 13.27
C SER A 220 18.71 0.93 12.25
N LEU A 221 18.13 2.05 12.62
CA LEU A 221 18.09 3.24 11.75
C LEU A 221 19.20 4.22 12.14
N ALA A 222 19.52 4.26 13.42
CA ALA A 222 20.55 5.17 13.94
C ALA A 222 21.93 4.52 13.91
N ASP A 223 22.12 3.50 14.71
CA ASP A 223 23.41 2.82 14.82
C ASP A 223 23.61 1.80 13.70
N ARG A 224 22.53 1.49 12.98
CA ARG A 224 22.57 0.51 11.90
C ARG A 224 23.09 -0.85 12.39
N VAL A 225 22.59 -1.26 13.56
CA VAL A 225 22.92 -2.55 14.13
C VAL A 225 21.72 -3.50 13.99
N TYR A 226 22.00 -4.79 13.83
CA TYR A 226 20.94 -5.79 13.65
C TYR A 226 21.14 -6.98 14.57
N THR A 227 20.23 -7.13 15.53
CA THR A 227 20.23 -8.26 16.45
C THR A 227 18.99 -9.12 16.24
N SER A 228 18.74 -10.05 17.15
CA SER A 228 17.56 -10.90 17.06
C SER A 228 16.29 -10.10 17.31
N LYS A 229 16.37 -9.13 18.22
CA LYS A 229 15.23 -8.31 18.57
C LYS A 229 14.87 -7.35 17.45
N SER A 230 15.78 -7.15 16.51
CA SER A 230 15.52 -6.31 15.35
C SER A 230 14.54 -7.02 14.41
N ASP A 231 14.56 -8.34 14.43
CA ASP A 231 13.63 -9.14 13.65
C ASP A 231 12.28 -9.23 14.36
N VAL A 232 12.31 -9.14 15.68
CA VAL A 232 11.08 -9.12 16.48
C VAL A 232 10.27 -7.87 16.14
N TRP A 233 10.98 -6.77 15.88
CA TRP A 233 10.35 -5.53 15.45
C TRP A 233 9.61 -5.75 14.14
N ALA A 234 10.32 -6.31 13.16
CA ALA A 234 9.73 -6.60 11.85
C ALA A 234 8.60 -7.62 11.98
N PHE A 235 8.76 -8.55 12.92
CA PHE A 235 7.74 -9.55 13.19
C PHE A 235 6.49 -8.87 13.75
N GLY A 236 6.69 -7.80 14.51
CA GLY A 236 5.58 -7.04 15.06
C GLY A 236 4.79 -6.36 13.95
N VAL A 237 5.50 -5.84 12.96
CA VAL A 237 4.85 -5.19 11.82
C VAL A 237 4.15 -6.24 10.96
N THR A 238 4.75 -7.42 10.85
CA THR A 238 4.17 -8.52 10.10
C THR A 238 2.82 -8.89 10.68
N MET A 239 2.72 -8.90 12.01
CA MET A 239 1.47 -9.18 12.69
C MET A 239 0.43 -8.09 12.41
N TRP A 240 0.91 -6.88 12.17
CA TRP A 240 0.03 -5.74 11.91
C TRP A 240 -0.57 -5.85 10.51
N GLU A 241 0.22 -6.32 9.55
CA GLU A 241 -0.24 -6.47 8.17
C GLU A 241 -1.30 -7.56 8.07
N ILE A 242 -1.11 -8.63 8.83
CA ILE A 242 -2.05 -9.75 8.83
C ILE A 242 -3.38 -9.34 9.46
N ALA A 243 -3.30 -8.63 10.59
CA ALA A 243 -4.50 -8.18 11.29
C ALA A 243 -5.26 -7.14 10.47
N THR A 244 -4.54 -6.39 9.65
CA THR A 244 -5.13 -5.36 8.81
C THR A 244 -5.40 -5.84 7.40
N ARG A 245 -5.02 -7.08 7.12
CA ARG A 245 -5.25 -7.72 5.83
C ARG A 245 -4.63 -6.94 4.67
N GLY A 246 -3.33 -6.62 4.80
CA GLY A 246 -2.57 -6.06 3.70
C GLY A 246 -2.48 -4.54 3.66
N MET A 247 -2.63 -3.90 4.81
CA MET A 247 -2.46 -2.45 4.89
C MET A 247 -0.98 -2.09 4.94
N THR A 248 -0.62 -0.96 4.33
CA THR A 248 0.75 -0.48 4.38
C THR A 248 1.03 0.10 5.76
N PRO A 249 2.20 -0.21 6.36
CA PRO A 249 2.50 0.33 7.69
C PRO A 249 2.54 1.85 7.73
N TYR A 250 2.10 2.42 8.85
CA TYR A 250 2.20 3.86 9.10
C TYR A 250 1.54 4.69 7.99
N PRO A 251 0.21 4.62 7.88
CA PRO A 251 -0.51 5.43 6.89
C PRO A 251 -0.46 6.91 7.21
N GLY A 252 -0.10 7.72 6.22
CA GLY A 252 0.01 9.16 6.40
C GLY A 252 1.44 9.61 6.64
N VAL A 253 2.30 8.67 7.02
CA VAL A 253 3.71 8.96 7.30
C VAL A 253 4.59 8.49 6.14
N GLN A 254 5.60 9.28 5.81
CA GLN A 254 6.52 8.94 4.72
C GLN A 254 7.75 8.22 5.26
N ASN A 255 8.50 7.57 4.37
CA ASN A 255 9.65 6.78 4.76
C ASN A 255 10.78 7.63 5.35
N HIS A 256 10.77 8.93 5.06
CA HIS A 256 11.83 9.83 5.52
C HIS A 256 11.45 10.53 6.83
N GLU A 257 10.26 10.23 7.34
CA GLU A 257 9.79 10.81 8.60
C GLU A 257 9.69 9.76 9.70
N MET A 258 10.17 8.55 9.41
CA MET A 258 10.00 7.43 10.32
C MET A 258 10.85 7.55 11.58
N TYR A 259 12.13 7.88 11.41
CA TYR A 259 13.06 7.91 12.53
C TYR A 259 12.64 8.91 13.61
N ASP A 260 12.07 10.03 13.18
CA ASP A 260 11.61 11.05 14.11
C ASP A 260 10.25 10.68 14.69
N TYR A 261 9.46 9.93 13.93
CA TYR A 261 8.14 9.52 14.36
C TYR A 261 8.23 8.51 15.50
N LEU A 262 9.13 7.53 15.34
CA LEU A 262 9.31 6.48 16.34
C LEU A 262 10.06 7.00 17.56
N LEU A 263 11.01 7.91 17.34
CA LEU A 263 11.82 8.46 18.42
C LEU A 263 10.97 9.27 19.39
N HIS A 264 9.88 9.85 18.89
CA HIS A 264 8.98 10.65 19.72
C HIS A 264 8.01 9.79 20.51
N GLY A 265 8.07 8.48 20.28
CA GLY A 265 7.27 7.53 21.05
C GLY A 265 6.06 6.99 20.33
N HIS A 266 5.82 7.47 19.11
CA HIS A 266 4.67 7.03 18.32
C HIS A 266 4.93 5.66 17.70
N ARG A 267 3.87 4.88 17.56
CA ARG A 267 3.96 3.54 16.98
C ARG A 267 2.74 3.25 16.11
N LEU A 268 2.67 2.05 15.56
CA LEU A 268 1.54 1.65 14.73
C LEU A 268 0.25 1.62 15.54
N LYS A 269 -0.80 2.19 14.97
CA LYS A 269 -2.09 2.27 15.65
C LYS A 269 -2.75 0.89 15.76
N GLN A 270 -3.69 0.78 16.69
CA GLN A 270 -4.43 -0.47 16.88
C GLN A 270 -5.58 -0.57 15.86
N PRO A 271 -5.69 -1.71 15.17
CA PRO A 271 -6.80 -1.86 14.22
C PRO A 271 -8.17 -1.78 14.88
N GLU A 272 -9.21 -1.62 14.07
CA GLU A 272 -10.57 -1.45 14.59
C GLU A 272 -11.08 -2.71 15.28
N ASP A 273 -10.89 -3.85 14.65
CA ASP A 273 -11.42 -5.12 15.15
C ASP A 273 -10.38 -5.94 15.91
N CYS A 274 -9.15 -5.45 15.96
CA CYS A 274 -8.08 -6.17 16.64
C CYS A 274 -8.30 -6.17 18.15
N LEU A 275 -8.12 -7.33 18.77
CA LEU A 275 -8.31 -7.48 20.20
C LEU A 275 -7.23 -6.72 20.97
N ASP A 276 -7.59 -6.22 22.15
CA ASP A 276 -6.65 -5.49 22.99
C ASP A 276 -5.53 -6.39 23.47
N GLU A 277 -5.78 -7.70 23.51
CA GLU A 277 -4.78 -8.66 23.96
C GLU A 277 -3.72 -8.89 22.90
N LEU A 278 -4.11 -8.77 21.63
CA LEU A 278 -3.20 -9.00 20.51
C LEU A 278 -2.31 -7.77 20.27
N TYR A 279 -2.87 -6.59 20.47
CA TYR A 279 -2.13 -5.35 20.25
C TYR A 279 -1.01 -5.19 21.27
N GLU A 280 -1.24 -5.70 22.48
CA GLU A 280 -0.23 -5.65 23.53
C GLU A 280 0.99 -6.49 23.14
N ILE A 281 0.74 -7.65 22.55
CA ILE A 281 1.81 -8.50 22.06
C ILE A 281 2.51 -7.80 20.89
N MET A 282 1.72 -7.10 20.09
CA MET A 282 2.24 -6.39 18.92
C MET A 282 3.05 -5.17 19.35
N TYR A 283 2.62 -4.54 20.44
CA TYR A 283 3.26 -3.32 20.93
C TYR A 283 4.51 -3.66 21.74
N SER A 284 4.55 -4.86 22.32
CA SER A 284 5.71 -5.28 23.10
C SER A 284 6.93 -5.46 22.21
N CYS A 285 6.70 -5.70 20.93
CA CYS A 285 7.77 -5.88 19.95
C CYS A 285 8.30 -4.55 19.45
N TRP A 286 7.70 -3.45 19.89
CA TRP A 286 8.05 -2.12 19.42
C TRP A 286 8.57 -1.22 20.54
N ARG A 287 8.92 -1.82 21.66
CA ARG A 287 9.45 -1.08 22.80
C ARG A 287 10.82 -0.49 22.44
N THR A 288 11.11 0.69 22.99
CA THR A 288 12.32 1.43 22.66
C THR A 288 13.58 0.61 22.95
N ASP A 289 13.61 -0.05 24.10
CA ASP A 289 14.75 -0.85 24.50
C ASP A 289 14.60 -2.28 23.95
N PRO A 290 15.56 -2.73 23.14
CA PRO A 290 15.48 -4.11 22.62
C PRO A 290 15.46 -5.17 23.71
N LEU A 291 16.08 -4.87 24.85
CA LEU A 291 16.15 -5.82 25.95
C LEU A 291 14.78 -6.05 26.58
N ASP A 292 13.90 -5.05 26.46
CA ASP A 292 12.54 -5.15 27.00
C ASP A 292 11.63 -5.94 26.06
N ARG A 293 12.05 -6.10 24.81
CA ARG A 293 11.26 -6.83 23.82
C ARG A 293 11.35 -8.33 24.08
N PRO A 294 10.24 -9.07 23.84
CA PRO A 294 10.24 -10.52 24.07
C PRO A 294 10.85 -11.30 22.92
N THR A 295 11.30 -12.52 23.20
CA THR A 295 11.85 -13.39 22.16
C THR A 295 10.73 -14.09 21.40
N PHE A 296 11.09 -14.72 20.29
CA PHE A 296 10.10 -15.42 19.47
C PHE A 296 9.53 -16.62 20.21
N SER A 297 10.31 -17.18 21.13
CA SER A 297 9.87 -18.32 21.93
C SER A 297 8.71 -17.92 22.83
N VAL A 298 8.75 -16.68 23.32
CA VAL A 298 7.67 -16.15 24.15
C VAL A 298 6.48 -15.79 23.28
N LEU A 299 6.73 -15.08 22.20
CA LEU A 299 5.68 -14.67 21.27
C LEU A 299 4.95 -15.86 20.67
N ARG A 300 5.69 -16.94 20.43
CA ARG A 300 5.12 -18.15 19.84
C ARG A 300 4.09 -18.76 20.79
N LEU A 301 4.41 -18.78 22.08
CA LEU A 301 3.52 -19.39 23.07
C LEU A 301 2.37 -18.46 23.43
N GLN A 302 2.61 -17.16 23.39
CA GLN A 302 1.56 -16.17 23.68
C GLN A 302 0.44 -16.26 22.64
N LEU A 303 0.83 -16.36 21.37
CA LEU A 303 -0.12 -16.44 20.28
C LEU A 303 -0.87 -17.76 20.29
N GLU A 304 -0.18 -18.83 20.65
CA GLU A 304 -0.79 -20.15 20.75
C GLU A 304 -1.81 -20.19 21.89
N LYS A 305 -1.50 -19.48 22.97
CA LYS A 305 -2.39 -19.44 24.13
C LYS A 305 -3.63 -18.61 23.81
N LEU A 306 -3.44 -17.52 23.07
CA LEU A 306 -4.55 -16.67 22.66
C LEU A 306 -5.39 -17.35 21.59
N LEU A 307 -4.74 -18.18 20.77
CA LEU A 307 -5.42 -18.90 19.71
C LEU A 307 -6.35 -19.97 20.27
N GLU A 308 -5.88 -20.70 21.25
CA GLU A 308 -6.65 -21.79 21.85
C GLU A 308 -7.81 -21.27 22.69
N SER A 309 -7.69 -20.03 23.17
CA SER A 309 -8.74 -19.41 23.99
C SER A 309 -9.97 -19.12 23.13
N LEU A 310 -9.77 -19.03 21.82
CA LEU A 310 -10.86 -18.75 20.88
C LEU A 310 -11.51 -20.05 20.42
N PRO A 311 -12.78 -19.98 19.98
CA PRO A 311 -13.47 -21.16 19.45
C PRO A 311 -13.03 -21.49 18.02
N ASP A 312 -13.69 -22.46 17.40
CA ASP A 312 -13.36 -22.83 16.02
C ASP A 312 -13.98 -21.84 15.03
N LEU B 26 -6.47 37.19 -14.89
CA LEU B 26 -5.12 37.76 -14.98
C LEU B 26 -4.78 38.55 -13.73
N GLU B 27 -5.30 39.76 -13.62
CA GLU B 27 -4.99 40.64 -12.50
C GLU B 27 -6.01 40.51 -11.38
N ASP B 28 -7.16 39.92 -11.68
CA ASP B 28 -8.25 39.80 -10.71
C ASP B 28 -7.96 38.76 -9.65
N VAL B 29 -6.98 37.89 -9.91
CA VAL B 29 -6.69 36.77 -9.02
C VAL B 29 -5.47 37.02 -8.14
N VAL B 30 -4.60 37.93 -8.57
CA VAL B 30 -3.34 38.17 -7.88
C VAL B 30 -3.55 38.77 -6.48
N ILE B 31 -3.04 38.07 -5.47
CA ILE B 31 -3.07 38.56 -4.10
C ILE B 31 -1.70 39.10 -3.71
N ASP B 32 -1.68 40.15 -2.90
CA ASP B 32 -0.43 40.73 -2.43
C ASP B 32 0.26 39.78 -1.44
N ARG B 33 1.58 39.64 -1.60
CA ARG B 33 2.35 38.70 -0.79
C ARG B 33 2.33 39.08 0.70
N ASN B 34 2.30 40.37 0.98
CA ASN B 34 2.33 40.85 2.36
C ASN B 34 1.09 40.43 3.16
N LEU B 35 0.05 40.01 2.46
CA LEU B 35 -1.18 39.56 3.11
C LEU B 35 -1.15 38.08 3.46
N LEU B 36 -0.09 37.40 3.03
CA LEU B 36 0.05 35.95 3.24
C LEU B 36 1.19 35.64 4.21
N ILE B 37 0.86 34.89 5.26
CA ILE B 37 1.85 34.42 6.23
C ILE B 37 1.96 32.90 6.14
N LEU B 38 3.13 32.42 5.74
CA LEU B 38 3.35 30.98 5.56
C LEU B 38 3.69 30.31 6.89
N GLY B 39 3.66 28.98 6.89
CA GLY B 39 3.92 28.20 8.10
C GLY B 39 4.53 26.84 7.82
N LYS B 40 4.00 25.82 8.50
CA LYS B 40 4.55 24.47 8.42
C LYS B 40 4.33 23.84 7.05
N ILE B 41 4.92 22.66 6.86
CA ILE B 41 4.77 21.89 5.62
C ILE B 41 3.65 20.86 5.78
N LEU B 42 2.69 20.88 4.86
CA LEU B 42 1.57 19.95 4.90
C LEU B 42 1.87 18.67 4.13
N GLY B 43 2.57 18.82 3.01
CA GLY B 43 2.94 17.69 2.18
C GLY B 43 3.53 18.10 0.84
N GLU B 44 3.97 17.12 0.06
CA GLU B 44 4.55 17.37 -1.25
C GLU B 44 3.48 17.32 -2.34
N GLY B 45 3.53 18.31 -3.23
CA GLY B 45 2.58 18.41 -4.33
C GLY B 45 3.28 18.40 -5.67
N GLU B 46 3.98 17.31 -5.96
CA GLU B 46 4.69 17.14 -7.24
C GLU B 46 5.70 18.25 -7.49
N PHE B 47 5.22 19.41 -7.95
CA PHE B 47 6.10 20.53 -8.28
C PHE B 47 6.81 21.06 -7.04
N GLY B 48 6.08 21.18 -5.94
CA GLY B 48 6.66 21.70 -4.71
C GLY B 48 5.87 21.27 -3.49
N SER B 49 6.35 21.68 -2.32
CA SER B 49 5.73 21.31 -1.05
C SER B 49 4.58 22.27 -0.70
N VAL B 50 3.44 21.68 -0.33
CA VAL B 50 2.28 22.47 0.09
C VAL B 50 2.48 22.94 1.53
N MET B 51 2.39 24.25 1.73
CA MET B 51 2.61 24.87 3.04
C MET B 51 1.34 25.54 3.54
N GLU B 52 1.08 25.41 4.84
CA GLU B 52 -0.06 26.07 5.46
C GLU B 52 0.19 27.57 5.55
N GLY B 53 -0.81 28.32 5.97
CA GLY B 53 -0.67 29.76 6.11
C GLY B 53 -1.95 30.46 6.52
N ASN B 54 -1.84 31.76 6.74
CA ASN B 54 -2.97 32.59 7.14
C ASN B 54 -3.20 33.73 6.15
N LEU B 55 -4.37 33.73 5.52
CA LEU B 55 -4.73 34.76 4.55
C LEU B 55 -5.54 35.87 5.20
N LYS B 56 -4.93 37.06 5.29
CA LYS B 56 -5.61 38.21 5.86
C LYS B 56 -6.61 38.77 4.86
N GLN B 57 -7.88 38.45 5.08
CA GLN B 57 -8.95 38.86 4.17
C GLN B 57 -9.17 40.36 4.17
N GLU B 58 -10.07 40.82 3.31
CA GLU B 58 -10.38 42.24 3.18
C GLU B 58 -11.24 42.74 4.34
N ASP B 59 -11.96 41.83 4.98
CA ASP B 59 -12.83 42.19 6.09
C ASP B 59 -12.08 42.19 7.42
N GLY B 60 -10.75 42.20 7.35
CA GLY B 60 -9.92 42.30 8.54
C GLY B 60 -9.58 40.95 9.16
N THR B 61 -10.45 39.96 8.97
CA THR B 61 -10.26 38.65 9.57
C THR B 61 -9.19 37.85 8.84
N SER B 62 -8.51 36.97 9.58
CA SER B 62 -7.51 36.08 9.01
C SER B 62 -8.08 34.69 8.84
N LEU B 63 -7.86 34.11 7.65
CA LEU B 63 -8.40 32.79 7.32
C LEU B 63 -7.29 31.76 7.13
N LYS B 64 -7.50 30.56 7.66
CA LYS B 64 -6.56 29.46 7.48
C LYS B 64 -6.64 28.96 6.05
N VAL B 65 -5.49 28.89 5.38
CA VAL B 65 -5.42 28.49 3.98
C VAL B 65 -4.29 27.49 3.73
N ALA B 66 -4.23 27.00 2.50
CA ALA B 66 -3.17 26.07 2.07
C ALA B 66 -2.48 26.62 0.82
N VAL B 67 -1.17 26.81 0.93
CA VAL B 67 -0.39 27.42 -0.14
C VAL B 67 0.40 26.38 -0.92
N LYS B 68 0.04 26.20 -2.19
CA LYS B 68 0.76 25.32 -3.10
C LYS B 68 1.73 26.12 -3.97
N THR B 69 2.99 25.72 -3.95
CA THR B 69 4.02 26.41 -4.73
C THR B 69 4.10 25.84 -6.15
N MET B 90 -10.30 28.61 -13.15
CA MET B 90 -10.45 27.72 -12.00
C MET B 90 -11.10 28.45 -10.82
N LYS B 91 -10.99 29.78 -10.83
CA LYS B 91 -11.64 30.60 -9.82
C LYS B 91 -13.09 30.88 -10.20
N ASP B 92 -13.35 30.93 -11.50
CA ASP B 92 -14.71 31.12 -11.98
C ASP B 92 -15.57 29.90 -11.66
N PHE B 93 -14.92 28.76 -11.45
CA PHE B 93 -15.62 27.55 -11.04
C PHE B 93 -16.25 27.74 -9.66
N SER B 94 -17.57 27.66 -9.61
CA SER B 94 -18.32 27.82 -8.37
C SER B 94 -19.21 26.63 -8.10
N HIS B 95 -18.72 25.70 -7.29
CA HIS B 95 -19.47 24.49 -6.97
C HIS B 95 -19.02 23.96 -5.60
N PRO B 96 -19.98 23.54 -4.75
CA PRO B 96 -19.60 23.08 -3.41
C PRO B 96 -18.79 21.78 -3.42
N ASN B 97 -18.74 21.10 -4.56
CA ASN B 97 -17.97 19.87 -4.71
C ASN B 97 -16.71 20.08 -5.55
N VAL B 98 -16.31 21.34 -5.68
CA VAL B 98 -15.08 21.69 -6.40
C VAL B 98 -14.30 22.70 -5.56
N ILE B 99 -13.01 22.44 -5.37
CA ILE B 99 -12.18 23.29 -4.53
C ILE B 99 -12.10 24.71 -5.11
N ARG B 100 -12.09 25.70 -4.23
CA ARG B 100 -12.04 27.10 -4.64
C ARG B 100 -10.61 27.56 -4.87
N LEU B 101 -10.46 28.61 -5.67
CA LEU B 101 -9.16 29.25 -5.87
C LEU B 101 -9.19 30.64 -5.24
N LEU B 102 -8.68 30.74 -4.03
CA LEU B 102 -8.71 31.98 -3.27
C LEU B 102 -7.88 33.07 -3.95
N GLY B 103 -6.80 32.66 -4.62
CA GLY B 103 -5.96 33.59 -5.35
C GLY B 103 -4.57 33.05 -5.62
N VAL B 104 -3.68 33.93 -6.07
CA VAL B 104 -2.31 33.56 -6.38
C VAL B 104 -1.35 34.64 -5.89
N CYS B 105 -0.17 34.23 -5.43
CA CYS B 105 0.84 35.16 -4.94
C CYS B 105 2.17 34.93 -5.64
N ILE B 106 2.87 36.01 -5.95
CA ILE B 106 4.15 35.95 -6.64
C ILE B 106 5.28 36.41 -5.70
N GLU B 107 6.13 35.46 -5.31
CA GLU B 107 7.27 35.78 -4.47
C GLU B 107 8.36 36.49 -5.25
N MET B 108 9.29 37.09 -4.52
CA MET B 108 10.45 37.76 -5.13
C MET B 108 11.68 37.50 -4.27
N SER B 109 12.44 36.47 -4.63
CA SER B 109 13.64 36.09 -3.88
C SER B 109 14.67 37.21 -3.90
N SER B 110 15.68 37.08 -3.05
CA SER B 110 16.75 38.08 -2.96
C SER B 110 17.50 38.21 -4.28
N GLN B 111 17.47 37.15 -5.09
CA GLN B 111 18.16 37.15 -6.38
C GLN B 111 17.22 37.52 -7.51
N GLY B 112 16.02 37.97 -7.17
CA GLY B 112 15.06 38.43 -8.16
C GLY B 112 14.24 37.32 -8.79
N ILE B 113 14.62 36.07 -8.52
CA ILE B 113 13.91 34.92 -9.07
C ILE B 113 12.51 34.83 -8.44
N PRO B 114 11.46 34.74 -9.29
CA PRO B 114 10.11 34.66 -8.72
C PRO B 114 9.69 33.22 -8.39
N LYS B 115 8.73 33.08 -7.48
CA LYS B 115 8.24 31.76 -7.08
C LYS B 115 6.73 31.82 -6.84
N PRO B 116 5.93 31.62 -7.91
CA PRO B 116 4.47 31.65 -7.81
C PRO B 116 3.91 30.72 -6.72
N MET B 117 2.78 31.10 -6.13
CA MET B 117 2.15 30.31 -5.09
C MET B 117 0.64 30.33 -5.21
N VAL B 118 0.05 29.15 -5.38
CA VAL B 118 -1.40 29.02 -5.49
C VAL B 118 -2.05 28.93 -4.11
N ILE B 119 -2.96 29.86 -3.82
CA ILE B 119 -3.65 29.90 -2.54
C ILE B 119 -4.93 29.08 -2.60
N LEU B 120 -5.07 28.12 -1.69
CA LEU B 120 -6.23 27.23 -1.65
C LEU B 120 -6.78 27.13 -0.23
N PRO B 121 -8.04 26.67 -0.09
CA PRO B 121 -8.63 26.50 1.24
C PRO B 121 -7.91 25.44 2.08
N PHE B 122 -8.30 25.34 3.35
CA PHE B 122 -7.68 24.37 4.27
C PHE B 122 -8.71 23.34 4.75
N MET B 123 -8.28 22.10 4.85
CA MET B 123 -9.12 21.00 5.32
C MET B 123 -8.39 20.18 6.38
N LYS B 124 -8.78 20.35 7.64
CA LYS B 124 -8.13 19.65 8.74
C LYS B 124 -8.36 18.15 8.66
N TYR B 125 -9.47 17.75 8.06
CA TYR B 125 -9.77 16.32 7.89
C TYR B 125 -8.89 15.71 6.80
N GLY B 126 -8.22 16.56 6.04
CA GLY B 126 -7.24 16.11 5.06
C GLY B 126 -7.86 15.41 3.87
N ASP B 127 -7.02 14.71 3.11
CA ASP B 127 -7.46 14.00 1.92
C ASP B 127 -8.36 12.82 2.27
N LEU B 128 -9.01 12.25 1.26
CA LEU B 128 -9.94 11.15 1.47
C LEU B 128 -9.20 9.81 1.57
N HIS B 129 -8.17 9.65 0.76
CA HIS B 129 -7.42 8.39 0.69
C HIS B 129 -6.83 8.02 2.05
N THR B 130 -6.31 9.01 2.76
CA THR B 130 -5.72 8.79 4.07
C THR B 130 -6.80 8.64 5.13
N TYR B 131 -7.90 9.36 4.96
CA TYR B 131 -9.01 9.34 5.90
C TYR B 131 -9.66 7.96 5.97
N LEU B 132 -9.65 7.24 4.85
CA LEU B 132 -10.24 5.91 4.77
C LEU B 132 -9.39 4.90 5.54
N LEU B 133 -8.09 5.11 5.56
CA LEU B 133 -7.18 4.20 6.25
C LEU B 133 -7.24 4.40 7.77
N TYR B 134 -7.47 5.63 8.20
CA TYR B 134 -7.59 5.93 9.61
C TYR B 134 -8.88 5.36 10.20
N SER B 135 -9.92 5.29 9.38
CA SER B 135 -11.21 4.77 9.84
C SER B 135 -11.12 3.28 10.16
N ARG B 136 -10.12 2.62 9.57
CA ARG B 136 -9.91 1.19 9.79
C ARG B 136 -9.06 0.94 11.04
N LEU B 137 -8.82 2.00 11.80
CA LEU B 137 -8.00 1.93 13.01
C LEU B 137 -8.70 2.61 14.17
N GLU B 138 -8.26 2.33 15.39
CA GLU B 138 -8.80 2.99 16.57
C GLU B 138 -8.34 4.45 16.60
N THR B 139 -8.75 5.17 17.64
CA THR B 139 -8.44 6.60 17.79
C THR B 139 -9.09 7.44 16.68
N GLY B 140 -8.80 7.10 15.43
CA GLY B 140 -9.37 7.80 14.29
C GLY B 140 -10.85 7.58 14.13
N PRO B 141 -11.41 7.96 12.96
CA PRO B 141 -12.84 7.88 12.67
C PRO B 141 -13.44 6.49 12.89
N LYS B 142 -14.75 6.44 13.09
CA LYS B 142 -15.47 5.19 13.27
C LYS B 142 -15.55 4.44 11.94
N HIS B 143 -15.83 3.14 12.00
CA HIS B 143 -15.99 2.33 10.80
C HIS B 143 -17.06 2.93 9.88
N ILE B 144 -16.60 3.47 8.75
CA ILE B 144 -17.48 4.16 7.82
C ILE B 144 -18.46 3.19 7.15
N PRO B 145 -19.78 3.46 7.26
CA PRO B 145 -20.76 2.58 6.63
C PRO B 145 -20.94 2.87 5.14
N LEU B 146 -21.67 2.00 4.44
CA LEU B 146 -21.87 2.15 3.00
C LEU B 146 -22.60 3.44 2.66
N GLN B 147 -23.53 3.84 3.51
CA GLN B 147 -24.34 5.03 3.27
C GLN B 147 -23.49 6.29 3.21
N THR B 148 -22.36 6.27 3.91
CA THR B 148 -21.46 7.41 3.95
C THR B 148 -20.43 7.32 2.82
N LEU B 149 -20.02 6.11 2.48
CA LEU B 149 -19.05 5.89 1.41
C LEU B 149 -19.64 6.30 0.06
N LEU B 150 -20.94 6.07 -0.12
CA LEU B 150 -21.62 6.45 -1.35
C LEU B 150 -21.72 7.97 -1.47
N LYS B 151 -21.92 8.63 -0.34
CA LYS B 151 -22.04 10.08 -0.31
C LYS B 151 -20.78 10.74 -0.87
N PHE B 152 -19.64 10.08 -0.67
CA PHE B 152 -18.38 10.56 -1.22
C PHE B 152 -18.40 10.44 -2.74
N MET B 153 -18.98 9.36 -3.24
CA MET B 153 -19.07 9.13 -4.68
C MET B 153 -20.00 10.14 -5.34
N VAL B 154 -21.09 10.48 -4.64
CA VAL B 154 -22.05 11.45 -5.14
C VAL B 154 -21.43 12.84 -5.21
N ASP B 155 -20.71 13.22 -4.16
CA ASP B 155 -20.06 14.52 -4.11
C ASP B 155 -19.04 14.68 -5.23
N ILE B 156 -18.16 13.69 -5.38
CA ILE B 156 -17.17 13.70 -6.45
C ILE B 156 -17.85 13.73 -7.81
N ALA B 157 -18.89 12.92 -7.98
CA ALA B 157 -19.63 12.86 -9.23
C ALA B 157 -20.24 14.21 -9.58
N LEU B 158 -20.77 14.90 -8.55
CA LEU B 158 -21.34 16.22 -8.75
C LEU B 158 -20.27 17.24 -9.13
N GLY B 159 -19.06 17.05 -8.58
CA GLY B 159 -17.96 17.93 -8.88
C GLY B 159 -17.45 17.74 -10.29
N MET B 160 -17.37 16.49 -10.73
CA MET B 160 -16.92 16.18 -12.07
C MET B 160 -18.00 16.51 -13.11
N GLU B 161 -19.25 16.42 -12.68
CA GLU B 161 -20.38 16.77 -13.55
C GLU B 161 -20.35 18.26 -13.86
N TYR B 162 -19.87 19.06 -12.91
CA TYR B 162 -19.76 20.50 -13.07
C TYR B 162 -18.68 20.84 -14.09
N LEU B 163 -17.56 20.12 -14.02
CA LEU B 163 -16.43 20.37 -14.91
C LEU B 163 -16.65 19.78 -16.29
N SER B 164 -17.37 18.66 -16.34
CA SER B 164 -17.62 17.98 -17.60
C SER B 164 -18.51 18.81 -18.52
N ASN B 165 -19.50 19.46 -17.93
CA ASN B 165 -20.42 20.31 -18.68
C ASN B 165 -19.70 21.51 -19.29
N ARG B 166 -18.70 22.01 -18.57
CA ARG B 166 -17.89 23.12 -19.05
C ARG B 166 -16.69 22.63 -19.86
N ASN B 167 -16.69 21.33 -20.17
CA ASN B 167 -15.63 20.72 -20.97
C ASN B 167 -14.24 20.93 -20.38
N PHE B 168 -14.08 20.56 -19.11
CA PHE B 168 -12.81 20.64 -18.42
C PHE B 168 -12.40 19.26 -17.91
N LEU B 169 -11.12 18.93 -18.08
CA LEU B 169 -10.61 17.61 -17.73
C LEU B 169 -9.71 17.67 -16.51
N HIS B 170 -9.75 16.62 -15.69
CA HIS B 170 -8.94 16.53 -14.49
C HIS B 170 -7.56 15.95 -14.79
N ARG B 171 -7.56 14.89 -15.61
CA ARG B 171 -6.33 14.26 -16.09
C ARG B 171 -5.53 13.59 -14.97
N ASP B 172 -6.09 13.53 -13.77
CA ASP B 172 -5.41 12.91 -12.63
C ASP B 172 -6.36 12.71 -11.46
N LEU B 173 -7.49 12.07 -11.71
CA LEU B 173 -8.49 11.84 -10.68
C LEU B 173 -8.12 10.64 -9.81
N ALA B 174 -8.20 10.82 -8.50
CA ALA B 174 -7.88 9.76 -7.55
C ALA B 174 -8.34 10.16 -6.15
N ALA B 175 -8.47 9.18 -5.27
CA ALA B 175 -8.92 9.41 -3.90
C ALA B 175 -7.95 10.32 -3.14
N ARG B 176 -6.69 10.30 -3.55
CA ARG B 176 -5.67 11.14 -2.93
C ARG B 176 -5.92 12.61 -3.25
N ASN B 177 -6.48 12.88 -4.42
CA ASN B 177 -6.76 14.24 -4.85
C ASN B 177 -8.18 14.68 -4.50
N CYS B 178 -8.74 14.06 -3.46
CA CYS B 178 -10.06 14.44 -2.96
C CYS B 178 -9.96 14.85 -1.49
N MET B 179 -10.44 16.06 -1.19
CA MET B 179 -10.35 16.62 0.16
C MET B 179 -11.70 16.62 0.86
N LEU B 180 -11.67 16.59 2.19
CA LEU B 180 -12.89 16.61 2.99
C LEU B 180 -13.04 17.93 3.74
N ARG B 181 -14.06 18.69 3.38
CA ARG B 181 -14.34 19.96 4.03
C ARG B 181 -14.78 19.75 5.49
N ASP B 182 -14.95 20.84 6.21
CA ASP B 182 -15.35 20.79 7.61
C ASP B 182 -16.71 20.11 7.79
N ASP B 183 -17.56 20.20 6.76
CA ASP B 183 -18.88 19.58 6.80
C ASP B 183 -18.81 18.15 6.26
N MET B 184 -17.61 17.59 6.18
CA MET B 184 -17.40 16.21 5.74
C MET B 184 -17.97 15.96 4.34
N THR B 185 -17.94 16.99 3.49
CA THR B 185 -18.27 16.85 2.08
C THR B 185 -17.00 16.75 1.24
N VAL B 186 -17.07 16.03 0.13
CA VAL B 186 -15.91 15.80 -0.72
C VAL B 186 -15.85 16.85 -1.83
N CYS B 187 -14.62 17.22 -2.20
CA CYS B 187 -14.40 18.18 -3.28
C CYS B 187 -13.17 17.78 -4.10
N VAL B 188 -13.33 17.79 -5.42
CA VAL B 188 -12.23 17.44 -6.32
C VAL B 188 -11.18 18.56 -6.34
N ALA B 189 -9.94 18.19 -6.64
CA ALA B 189 -8.84 19.14 -6.68
C ALA B 189 -7.63 18.56 -7.39
N ASP B 190 -6.56 19.34 -7.46
CA ASP B 190 -5.30 18.92 -8.08
C ASP B 190 -5.50 18.64 -9.57
N PHE B 191 -6.12 19.59 -10.27
CA PHE B 191 -6.35 19.48 -11.71
C PHE B 191 -5.67 20.64 -12.44
N PRO B 212 1.28 7.71 -11.92
CA PRO B 212 -0.09 7.19 -11.88
C PRO B 212 -0.47 6.44 -13.15
N VAL B 213 -0.46 5.11 -13.07
CA VAL B 213 -0.75 4.26 -14.23
C VAL B 213 -2.04 3.49 -14.04
N LYS B 214 -2.32 3.08 -12.81
CA LYS B 214 -3.48 2.25 -12.51
C LYS B 214 -4.79 3.03 -12.50
N TRP B 215 -4.72 4.32 -12.80
CA TRP B 215 -5.91 5.17 -12.89
C TRP B 215 -6.17 5.62 -14.33
N ILE B 216 -5.12 5.57 -15.16
CA ILE B 216 -5.24 5.95 -16.55
C ILE B 216 -5.99 4.86 -17.33
N ALA B 217 -6.82 5.27 -18.28
CA ALA B 217 -7.63 4.35 -19.07
C ALA B 217 -6.81 3.67 -20.15
N ILE B 218 -7.34 2.59 -20.71
CA ILE B 218 -6.63 1.80 -21.71
C ILE B 218 -6.37 2.58 -22.99
N GLU B 219 -7.33 3.41 -23.38
CA GLU B 219 -7.20 4.17 -24.63
C GLU B 219 -6.20 5.31 -24.49
N SER B 220 -5.85 5.65 -23.25
CA SER B 220 -4.93 6.74 -22.98
C SER B 220 -3.49 6.24 -22.86
N LEU B 221 -3.33 4.98 -22.44
CA LEU B 221 -2.00 4.39 -22.30
C LEU B 221 -1.38 4.14 -23.67
N ALA B 222 -2.21 3.81 -24.65
CA ALA B 222 -1.74 3.58 -26.01
C ALA B 222 -1.31 4.89 -26.65
N ASP B 223 -2.28 5.76 -26.93
CA ASP B 223 -2.02 7.07 -27.49
C ASP B 223 -2.28 8.14 -26.43
N ARG B 224 -1.41 9.14 -26.36
CA ARG B 224 -1.53 10.19 -25.36
C ARG B 224 -2.73 11.09 -25.63
N VAL B 225 -3.90 10.57 -25.31
CA VAL B 225 -5.16 11.31 -25.45
C VAL B 225 -5.95 11.22 -24.14
N TYR B 226 -6.72 12.26 -23.84
CA TYR B 226 -7.52 12.30 -22.63
C TYR B 226 -8.88 12.95 -22.89
N THR B 227 -9.93 12.15 -22.77
CA THR B 227 -11.30 12.63 -22.93
C THR B 227 -11.97 12.76 -21.57
N SER B 228 -13.23 13.17 -21.56
CA SER B 228 -13.99 13.24 -20.33
C SER B 228 -14.29 11.84 -19.81
N LYS B 229 -14.38 10.88 -20.72
CA LYS B 229 -14.64 9.49 -20.37
C LYS B 229 -13.39 8.84 -19.78
N SER B 230 -12.24 9.47 -19.96
CA SER B 230 -11.00 8.99 -19.35
C SER B 230 -11.01 9.28 -17.86
N ASP B 231 -11.71 10.35 -17.47
CA ASP B 231 -11.87 10.69 -16.07
C ASP B 231 -12.91 9.77 -15.41
N VAL B 232 -13.85 9.31 -16.22
CA VAL B 232 -14.85 8.35 -15.77
C VAL B 232 -14.17 7.05 -15.35
N TRP B 233 -13.14 6.66 -16.10
CA TRP B 233 -12.34 5.48 -15.77
C TRP B 233 -11.71 5.65 -14.40
N ALA B 234 -10.97 6.74 -14.22
CA ALA B 234 -10.31 7.04 -12.96
C ALA B 234 -11.33 7.22 -11.83
N PHE B 235 -12.51 7.74 -12.19
CA PHE B 235 -13.58 7.91 -11.22
C PHE B 235 -14.07 6.54 -10.73
N GLY B 236 -14.06 5.56 -11.64
CA GLY B 236 -14.43 4.20 -11.29
C GLY B 236 -13.45 3.61 -10.31
N VAL B 237 -12.16 3.87 -10.53
CA VAL B 237 -11.12 3.38 -9.63
C VAL B 237 -11.22 4.09 -8.28
N THR B 238 -11.58 5.37 -8.32
CA THR B 238 -11.78 6.15 -7.10
C THR B 238 -12.86 5.52 -6.23
N MET B 239 -13.94 5.08 -6.89
CA MET B 239 -15.04 4.41 -6.19
C MET B 239 -14.56 3.09 -5.59
N TRP B 240 -13.60 2.45 -6.27
CA TRP B 240 -13.06 1.18 -5.80
C TRP B 240 -12.16 1.39 -4.59
N GLU B 241 -11.49 2.54 -4.54
CA GLU B 241 -10.63 2.88 -3.40
C GLU B 241 -11.48 3.19 -2.17
N ILE B 242 -12.65 3.77 -2.39
CA ILE B 242 -13.55 4.12 -1.30
C ILE B 242 -14.21 2.87 -0.72
N ALA B 243 -14.71 2.01 -1.60
CA ALA B 243 -15.37 0.77 -1.18
C ALA B 243 -14.39 -0.15 -0.46
N THR B 244 -13.12 -0.11 -0.90
CA THR B 244 -12.07 -0.92 -0.29
C THR B 244 -11.36 -0.17 0.84
N ARG B 245 -11.71 1.09 1.01
CA ARG B 245 -11.14 1.93 2.07
C ARG B 245 -9.62 2.05 1.97
N GLY B 246 -9.12 2.33 0.78
CA GLY B 246 -7.72 2.70 0.58
C GLY B 246 -6.82 1.62 0.02
N MET B 247 -7.40 0.55 -0.52
CA MET B 247 -6.60 -0.48 -1.19
C MET B 247 -5.98 0.08 -2.46
N THR B 248 -4.72 -0.30 -2.70
CA THR B 248 -4.07 0.05 -3.96
C THR B 248 -4.70 -0.77 -5.08
N PRO B 249 -5.14 -0.12 -6.18
CA PRO B 249 -5.76 -0.87 -7.28
C PRO B 249 -4.89 -2.00 -7.83
N TYR B 250 -5.53 -3.08 -8.25
CA TYR B 250 -4.84 -4.20 -8.89
C TYR B 250 -3.73 -4.79 -8.01
N PRO B 251 -4.10 -5.47 -6.92
CA PRO B 251 -3.13 -6.11 -6.05
C PRO B 251 -2.47 -7.32 -6.71
N GLY B 252 -1.15 -7.40 -6.64
CA GLY B 252 -0.40 -8.49 -7.26
C GLY B 252 0.08 -8.12 -8.66
N VAL B 253 -0.56 -7.12 -9.25
CA VAL B 253 -0.20 -6.65 -10.59
C VAL B 253 0.70 -5.42 -10.51
N GLN B 254 1.69 -5.36 -11.39
CA GLN B 254 2.63 -4.24 -11.41
C GLN B 254 2.21 -3.20 -12.45
N ASN B 255 2.87 -2.03 -12.41
CA ASN B 255 2.53 -0.95 -13.33
C ASN B 255 2.87 -1.27 -14.77
N HIS B 256 3.89 -2.10 -14.97
CA HIS B 256 4.34 -2.45 -16.31
C HIS B 256 3.54 -3.62 -16.91
N GLU B 257 2.60 -4.15 -16.14
CA GLU B 257 1.76 -5.25 -16.59
C GLU B 257 0.31 -4.79 -16.82
N MET B 258 0.05 -3.51 -16.60
CA MET B 258 -1.31 -2.99 -16.64
C MET B 258 -1.92 -3.02 -18.03
N TYR B 259 -1.21 -2.49 -19.03
CA TYR B 259 -1.75 -2.38 -20.38
C TYR B 259 -2.09 -3.75 -20.96
N ASP B 260 -1.23 -4.73 -20.70
CA ASP B 260 -1.47 -6.09 -21.17
C ASP B 260 -2.57 -6.76 -20.37
N TYR B 261 -2.77 -6.30 -19.14
CA TYR B 261 -3.79 -6.86 -18.26
C TYR B 261 -5.17 -6.33 -18.65
N LEU B 262 -5.24 -5.04 -18.95
CA LEU B 262 -6.49 -4.40 -19.33
C LEU B 262 -6.89 -4.77 -20.76
N LEU B 263 -5.89 -5.00 -21.61
CA LEU B 263 -6.14 -5.31 -23.01
C LEU B 263 -6.81 -6.68 -23.15
N HIS B 264 -6.51 -7.59 -22.23
CA HIS B 264 -7.07 -8.94 -22.26
C HIS B 264 -8.50 -8.96 -21.71
N GLY B 265 -9.00 -7.81 -21.28
CA GLY B 265 -10.37 -7.68 -20.83
C GLY B 265 -10.54 -7.87 -19.34
N HIS B 266 -9.43 -7.97 -18.62
CA HIS B 266 -9.46 -8.13 -17.16
C HIS B 266 -9.56 -6.77 -16.47
N ARG B 267 -10.46 -6.67 -15.51
CA ARG B 267 -10.68 -5.42 -14.78
C ARG B 267 -10.56 -5.64 -13.27
N LEU B 268 -10.80 -4.58 -12.50
CA LEU B 268 -10.74 -4.66 -11.05
C LEU B 268 -11.80 -5.62 -10.51
N LYS B 269 -11.40 -6.41 -9.51
CA LYS B 269 -12.28 -7.43 -8.93
C LYS B 269 -13.26 -6.82 -7.94
N GLN B 270 -14.43 -7.43 -7.83
CA GLN B 270 -15.48 -6.96 -6.93
C GLN B 270 -15.05 -7.12 -5.47
N PRO B 271 -15.19 -6.07 -4.65
CA PRO B 271 -14.86 -6.22 -3.22
C PRO B 271 -15.74 -7.26 -2.52
N GLU B 272 -15.34 -7.66 -1.31
CA GLU B 272 -16.04 -8.71 -0.59
C GLU B 272 -17.46 -8.31 -0.20
N ASP B 273 -17.58 -7.19 0.51
CA ASP B 273 -18.86 -6.75 1.04
C ASP B 273 -19.54 -5.69 0.16
N CYS B 274 -19.08 -5.57 -1.08
CA CYS B 274 -19.64 -4.58 -2.01
C CYS B 274 -20.87 -5.14 -2.71
N LEU B 275 -21.82 -4.25 -3.01
CA LEU B 275 -23.07 -4.66 -3.62
C LEU B 275 -22.93 -4.86 -5.12
N ASP B 276 -23.68 -5.81 -5.67
CA ASP B 276 -23.66 -6.08 -7.10
C ASP B 276 -24.19 -4.88 -7.88
N GLU B 277 -25.15 -4.17 -7.30
CA GLU B 277 -25.72 -2.99 -7.95
C GLU B 277 -24.71 -1.85 -8.04
N LEU B 278 -23.73 -1.88 -7.14
CA LEU B 278 -22.70 -0.84 -7.10
C LEU B 278 -21.52 -1.22 -8.00
N TYR B 279 -21.26 -2.51 -8.12
CA TYR B 279 -20.15 -2.99 -8.94
C TYR B 279 -20.43 -2.81 -10.42
N GLU B 280 -21.71 -2.90 -10.79
CA GLU B 280 -22.12 -2.71 -12.17
C GLU B 280 -21.86 -1.27 -12.62
N ILE B 281 -21.89 -0.35 -11.67
CA ILE B 281 -21.65 1.06 -11.96
C ILE B 281 -20.19 1.31 -12.29
N MET B 282 -19.30 0.87 -11.40
CA MET B 282 -17.87 1.08 -11.59
C MET B 282 -17.33 0.28 -12.79
N TYR B 283 -17.97 -0.85 -13.06
CA TYR B 283 -17.53 -1.71 -14.16
C TYR B 283 -17.86 -1.07 -15.51
N SER B 284 -18.94 -0.29 -15.55
CA SER B 284 -19.34 0.39 -16.78
C SER B 284 -18.37 1.52 -17.11
N CYS B 285 -17.61 1.96 -16.11
CA CYS B 285 -16.64 3.04 -16.30
C CYS B 285 -15.34 2.52 -16.91
N TRP B 286 -15.17 1.20 -16.91
CA TRP B 286 -13.93 0.58 -17.36
C TRP B 286 -14.10 -0.18 -18.68
N ARG B 287 -15.21 0.05 -19.36
CA ARG B 287 -15.47 -0.60 -20.64
C ARG B 287 -14.47 -0.14 -21.69
N THR B 288 -14.17 -1.01 -22.64
CA THR B 288 -13.13 -0.76 -23.64
C THR B 288 -13.41 0.51 -24.44
N ASP B 289 -14.62 0.65 -24.93
CA ASP B 289 -15.00 1.81 -25.74
C ASP B 289 -15.47 2.95 -24.82
N PRO B 290 -14.80 4.12 -24.89
CA PRO B 290 -15.24 5.25 -24.07
C PRO B 290 -16.68 5.69 -24.37
N LEU B 291 -17.15 5.43 -25.57
CA LEU B 291 -18.49 5.82 -25.98
C LEU B 291 -19.54 5.00 -25.24
N ASP B 292 -19.20 3.76 -24.89
CA ASP B 292 -20.12 2.88 -24.19
C ASP B 292 -20.17 3.17 -22.69
N ARG B 293 -19.28 4.06 -22.23
CA ARG B 293 -19.24 4.43 -20.82
C ARG B 293 -20.27 5.51 -20.50
N PRO B 294 -20.78 5.53 -19.26
CA PRO B 294 -21.75 6.54 -18.85
C PRO B 294 -21.11 7.86 -18.44
N THR B 295 -21.85 8.96 -18.56
CA THR B 295 -21.35 10.27 -18.14
C THR B 295 -21.54 10.44 -16.64
N PHE B 296 -20.97 11.51 -16.09
CA PHE B 296 -21.04 11.77 -14.66
C PHE B 296 -22.47 12.10 -14.23
N SER B 297 -23.25 12.70 -15.13
CA SER B 297 -24.63 13.04 -14.85
C SER B 297 -25.45 11.77 -14.63
N VAL B 298 -25.11 10.71 -15.36
CA VAL B 298 -25.77 9.42 -15.20
C VAL B 298 -25.31 8.76 -13.90
N LEU B 299 -23.99 8.68 -13.71
CA LEU B 299 -23.42 8.06 -12.53
C LEU B 299 -23.89 8.73 -11.24
N ARG B 300 -23.96 10.06 -11.28
CA ARG B 300 -24.39 10.83 -10.12
C ARG B 300 -25.80 10.45 -9.67
N LEU B 301 -26.67 10.21 -10.65
CA LEU B 301 -28.06 9.86 -10.36
C LEU B 301 -28.19 8.38 -9.98
N GLN B 302 -27.32 7.55 -10.56
CA GLN B 302 -27.30 6.12 -10.23
C GLN B 302 -26.91 5.90 -8.78
N LEU B 303 -25.98 6.70 -8.30
CA LEU B 303 -25.50 6.61 -6.92
C LEU B 303 -26.51 7.20 -5.95
N GLU B 304 -27.13 8.30 -6.34
CA GLU B 304 -28.15 8.96 -5.53
C GLU B 304 -29.40 8.09 -5.39
N LYS B 305 -29.77 7.44 -6.49
CA LYS B 305 -30.95 6.58 -6.50
C LYS B 305 -30.71 5.33 -5.66
N LEU B 306 -29.48 4.82 -5.71
CA LEU B 306 -29.11 3.63 -4.95
C LEU B 306 -29.00 3.94 -3.46
N LEU B 307 -28.59 5.17 -3.14
CA LEU B 307 -28.42 5.58 -1.75
C LEU B 307 -29.77 5.68 -1.04
N GLU B 308 -30.81 6.04 -1.79
CA GLU B 308 -32.14 6.19 -1.23
C GLU B 308 -32.85 4.84 -1.09
N SER B 309 -32.47 3.89 -1.94
CA SER B 309 -33.05 2.56 -1.88
C SER B 309 -32.64 1.86 -0.58
N LEU B 310 -31.48 2.23 -0.05
CA LEU B 310 -30.98 1.68 1.19
C LEU B 310 -31.58 2.42 2.38
N PRO B 311 -31.64 1.76 3.55
CA PRO B 311 -32.20 2.40 4.75
C PRO B 311 -31.29 3.50 5.29
CL CL C . -4.72 -1.53 2.03
CL CL D . -0.48 3.24 12.28
CL CL E . 17.59 -22.95 -18.79
C01 4MH F . 11.54 -15.71 -1.29
C02 4MH F . 11.19 -16.68 -2.42
C03 4MH F . 9.95 -17.50 -2.12
C04 4MH F . 10.11 -19.00 -2.48
N05 4MH F . 9.81 -19.27 -3.86
C06 4MH F . 8.62 -18.70 -4.51
N07 4MH F . 7.47 -19.41 -4.53
C08 4MH F . 6.36 -18.88 -5.13
C09 4MH F . 6.40 -17.62 -5.73
C10 4MH F . 5.15 -17.03 -6.40
O11 4MH F . 5.10 -15.85 -6.69
N12 4MH F . 4.03 -17.91 -6.69
C13 4MH F . 2.82 -17.45 -7.31
C14 4MH F . 2.62 -18.14 -8.68
C15 4MH F . 3.63 -18.07 -9.62
C16 4MH F . 3.46 -18.69 -10.86
C17 4MH F . 2.29 -19.39 -11.13
C18 4MH F . 1.29 -19.46 -10.18
C19 4MH F . 1.46 -18.84 -8.94
S20 4MH F . 2.08 -20.18 -12.70
O21 4MH F . 2.86 -19.53 -13.71
O22 4MH F . 0.76 -20.00 -13.21
N23 4MH F . 2.47 -21.79 -12.58
C24 4MH F . 7.63 -16.89 -5.69
N25 4MH F . 7.75 -15.57 -6.28
C26 4MH F . 7.63 -14.39 -5.49
C27 4MH F . 8.20 -13.23 -6.30
C28 4MH F . 8.34 -11.96 -5.49
C29 4MH F . 9.11 -12.19 -4.21
O30 4MH F . 9.11 -10.99 -3.44
C31 4MH F . 8.50 -13.30 -3.38
C32 4MH F . 8.36 -14.59 -4.17
N33 4MH F . 8.70 -17.45 -5.09
H011 4MH F . 12.51 -15.44 -1.37
H012 4MH F . 11.41 -16.15 -0.42
H013 4MH F . 10.98 -14.90 -1.35
H021 4MH F . 11.96 -17.29 -2.58
H022 4MH F . 11.03 -16.15 -3.23
H031 4MH F . 9.21 -17.13 -2.60
H032 4MH F . 9.76 -17.42 -1.16
H041 4MH F . 9.53 -19.53 -1.91
H042 4MH F . 11.06 -19.26 -2.31
H051 4MH F . 10.35 -19.81 -4.33
H081 4MH F . 5.53 -19.40 -5.15
H121 4MH F . 4.09 -18.77 -6.46
H131 4MH F . 2.06 -17.66 -6.73
H132 4MH F . 2.87 -16.48 -7.44
H151 4MH F . 4.45 -17.57 -9.43
H161 4MH F . 4.15 -18.64 -11.53
H181 4MH F . 0.46 -19.98 -10.37
H191 4MH F . 0.76 -18.90 -8.28
H231 4MH F . 3.26 -21.95 -13.01
H232 4MH F . 1.80 -22.29 -12.98
H251 4MH F . 7.89 -15.50 -7.18
H261 4MH F . 6.71 -14.22 -5.32
H271 4MH F . 9.08 -13.48 -6.64
H272 4MH F . 7.60 -13.05 -7.08
H281 4MH F . 7.45 -11.62 -5.28
H282 4MH F . 8.80 -11.30 -6.04
H291 4MH F . 10.02 -12.42 -4.42
H301 4MH F . 9.88 -10.56 -3.57
H311 4MH F . 9.07 -13.46 -2.60
H312 4MH F . 7.61 -13.01 -3.07
H321 4MH F . 7.81 -15.19 -3.63
H322 4MH F . 9.28 -14.89 -4.38
CL CL G . -8.51 -6.11 -8.52
CL CL H . -8.67 12.36 9.91
CL CL I . 5.41 34.42 5.33
MG MG J . -2.40 15.40 -5.02
C01 4MH K . -4.84 19.92 -2.84
C02 4MH K . -5.36 21.23 -2.25
C03 4MH K . -6.27 20.98 -1.06
C04 4MH K . -6.20 22.12 0.00
N05 4MH K . -4.92 22.08 0.64
C06 4MH K . -4.68 21.20 1.79
N07 4MH K . -5.52 21.23 2.86
C08 4MH K . -5.28 20.40 3.92
C09 4MH K . -4.20 19.50 3.91
C10 4MH K . -3.95 18.56 5.11
O11 4MH K . -3.21 17.61 4.99
N12 4MH K . -4.62 18.84 6.37
C13 4MH K . -4.44 18.02 7.53
C14 4MH K . -3.97 18.87 8.73
C15 4MH K . -2.75 19.50 8.68
C16 4MH K . -2.32 20.28 9.77
C17 4MH K . -3.14 20.41 10.88
C18 4MH K . -4.36 19.78 10.93
C19 4MH K . -4.78 19.00 9.85
S20 4MH K . -2.61 21.39 12.27
O21 4MH K . -3.73 22.01 12.90
O22 4MH K . -1.86 22.52 11.84
N23 4MH K . -1.76 20.47 13.34
C24 4MH K . -3.35 19.48 2.76
N25 4MH K . -2.21 18.58 2.68
C26 4MH K . -2.09 17.54 1.70
C27 4MH K . -0.61 17.33 1.44
C28 4MH K . -0.34 16.39 0.29
C29 4MH K . -1.09 16.78 -0.96
O30 4MH K . -0.89 15.78 -1.96
C31 4MH K . -2.57 16.93 -0.70
C32 4MH K . -2.85 17.90 0.42
N33 4MH K . -3.62 20.33 1.74
H011 4MH K . -4.07 19.59 -2.30
H012 4MH K . -5.56 19.24 -2.83
H013 4MH K . -4.54 20.07 -3.76
H021 4MH K . -5.87 21.71 -2.96
H022 4MH K . -4.61 21.78 -1.96
H031 4MH K . -6.03 20.15 -0.65
H032 4MH K . -7.19 20.93 -1.38
H041 4MH K . -6.91 21.99 0.65
H042 4MH K . -6.31 23.00 -0.46
H051 4MH K . -4.25 22.61 0.35
H081 4MH K . -5.88 20.42 4.70
H121 4MH K . -5.16 19.54 6.43
H131 4MH K . -5.30 17.60 7.76
H132 4MH K . -3.78 17.32 7.34
H151 4MH K . -2.17 19.42 7.90
H161 4MH K . -1.46 20.73 9.75
H181 4MH K . -4.95 19.86 11.73
H191 4MH K . -5.64 18.56 9.88
H231 4MH K . -0.99 20.90 13.57
H232 4MH K . -2.27 20.31 14.10
H251 4MH K . -1.55 18.68 3.30
H261 4MH K . -2.46 16.73 2.06
H271 4MH K . -0.21 18.20 1.23
H272 4MH K . -0.19 16.97 2.26
H281 4MH K . 0.62 16.38 0.11
H282 4MH K . -0.61 15.49 0.56
H291 4MH K . -0.74 17.63 -1.29
H301 4MH K . -0.40 16.12 -2.61
H311 4MH K . -2.95 16.06 -0.47
H312 4MH K . -3.02 17.25 -1.53
H321 4MH K . -3.80 17.83 0.64
H322 4MH K . -2.52 18.78 0.13
#